data_5OTA
#
_entry.id   5OTA
#
_cell.length_a   115.230
_cell.length_b   115.230
_cell.length_c   37.840
_cell.angle_alpha   90.00
_cell.angle_beta   90.00
_cell.angle_gamma   120.00
#
_symmetry.space_group_name_H-M   'P 32'
#
loop_
_entity.id
_entity.type
_entity.pdbx_description
1 polymer 'Nopaline-binding periplasmic protein'
2 non-polymer '(2~{S})-5-azanyl-2-[[(2~{R})-1-oxidanyl-1-oxidanylidene-propan-2-yl]amino]pentanoic acid'
3 non-polymer 1,2-ETHANEDIOL
4 water water
#
_entity_poly.entity_id   1
_entity_poly.type   'polypeptide(L)'
_entity_poly.pdbx_seq_one_letter_code
;MKDYKSITIATEGSYAPYNFKDAGGKLIGFDIDLGNDLCKRMNIECKFVEQAWDGIIPSLTAGRYDAIMAAMGIQPAREK
VIAFSRPYLLTPMTFLTTADSPLLKTQVAIENLPLDNITPEQKAELDKFTKIFEGVKFGVQAGTSHEAFMKQMMPSVQIS
TYDTIDNVVMDLKAGRIDASLASVSFLKPLTDKPDNKDLKMFGPRMTGGLFGKGVGVGIRKEDADLKALFDKAIDAAIAD
GTVQKLSQQWFGYDASPKQHHHHHH
;
_entity_poly.pdbx_strand_id   A,B
#
loop_
_chem_comp.id
_chem_comp.type
_chem_comp.name
_chem_comp.formula
AQQ non-polymer '(2~{S})-5-azanyl-2-[[(2~{R})-1-oxidanyl-1-oxidanylidene-propan-2-yl]amino]pentanoic acid' 'C8 H16 N2 O4'
EDO non-polymer 1,2-ETHANEDIOL 'C2 H6 O2'
#
# COMPACT_ATOMS: atom_id res chain seq x y z
N TYR A 4 -14.64 19.45 28.25
CA TYR A 4 -14.77 19.02 26.85
C TYR A 4 -15.79 17.89 26.69
N LYS A 5 -16.49 17.90 25.55
CA LYS A 5 -17.48 16.88 25.21
C LYS A 5 -17.09 16.28 23.85
N SER A 6 -16.62 17.15 22.94
CA SER A 6 -16.19 16.81 21.59
C SER A 6 -15.06 17.73 21.13
N ILE A 7 -14.13 17.20 20.32
CA ILE A 7 -12.99 17.95 19.76
C ILE A 7 -12.80 17.65 18.27
N THR A 8 -12.29 18.62 17.53
CA THR A 8 -11.95 18.44 16.12
C THR A 8 -10.41 18.34 16.03
N ILE A 9 -9.90 17.26 15.46
CA ILE A 9 -8.47 17.03 15.33
C ILE A 9 -8.11 17.12 13.86
N ALA A 10 -7.13 17.97 13.53
CA ALA A 10 -6.66 18.10 12.16
C ALA A 10 -5.53 17.14 11.88
N THR A 11 -5.54 16.65 10.64
CA THR A 11 -4.52 15.79 10.09
C THR A 11 -4.24 16.23 8.66
N GLU A 12 -3.09 15.82 8.11
CA GLU A 12 -2.71 16.19 6.74
C GLU A 12 -3.50 15.39 5.69
N GLY A 13 -3.59 14.08 5.87
CA GLY A 13 -4.34 13.23 4.94
C GLY A 13 -3.52 12.74 3.77
N SER A 14 -2.20 12.99 3.77
CA SER A 14 -1.30 12.58 2.68
C SER A 14 0.12 12.24 3.20
N TYR A 15 0.20 11.67 4.39
CA TYR A 15 1.49 11.29 4.97
C TYR A 15 1.42 9.86 5.52
N ALA A 16 1.29 8.86 4.60
CA ALA A 16 1.19 7.45 4.94
C ALA A 16 2.46 6.93 5.62
N PRO A 17 2.37 6.06 6.66
CA PRO A 17 1.16 5.46 7.24
C PRO A 17 0.59 6.18 8.46
N TYR A 18 1.05 7.42 8.75
CA TYR A 18 0.52 8.21 9.87
C TYR A 18 -0.91 8.62 9.61
N ASN A 19 -1.15 9.19 8.42
CA ASN A 19 -2.45 9.72 8.03
C ASN A 19 -2.53 9.85 6.54
N PHE A 20 -3.60 9.29 5.96
CA PHE A 20 -3.83 9.26 4.53
C PHE A 20 -5.27 8.80 4.30
N LYS A 21 -5.67 8.63 3.05
CA LYS A 21 -7.02 8.26 2.71
C LYS A 21 -7.12 6.85 2.16
N ASP A 22 -8.13 6.08 2.62
CA ASP A 22 -8.38 4.72 2.12
C ASP A 22 -9.06 4.80 0.74
N ALA A 23 -9.44 3.63 0.18
CA ALA A 23 -10.07 3.54 -1.13
C ALA A 23 -11.38 4.33 -1.21
N GLY A 24 -12.09 4.43 -0.08
CA GLY A 24 -13.33 5.17 0.04
C GLY A 24 -13.20 6.66 0.34
N GLY A 25 -11.97 7.14 0.49
CA GLY A 25 -11.64 8.54 0.78
C GLY A 25 -11.67 8.91 2.24
N LYS A 26 -11.85 7.91 3.13
CA LYS A 26 -11.89 8.08 4.57
C LYS A 26 -10.45 8.22 5.12
N LEU A 27 -10.25 9.12 6.10
CA LEU A 27 -8.96 9.31 6.76
C LEU A 27 -8.64 8.09 7.59
N ILE A 28 -7.43 7.54 7.40
CA ILE A 28 -6.93 6.34 8.07
C ILE A 28 -5.47 6.58 8.46
N GLY A 29 -4.91 5.67 9.23
CA GLY A 29 -3.51 5.73 9.60
C GLY A 29 -3.29 5.62 11.09
N PHE A 30 -2.02 5.58 11.50
CA PHE A 30 -1.60 5.50 12.89
C PHE A 30 -2.17 6.69 13.73
N ASP A 31 -2.14 7.92 13.18
CA ASP A 31 -2.66 9.12 13.87
C ASP A 31 -4.16 9.04 14.14
N ILE A 32 -4.92 8.46 13.18
CA ILE A 32 -6.37 8.30 13.26
C ILE A 32 -6.73 7.25 14.31
N ASP A 33 -6.08 6.09 14.27
CA ASP A 33 -6.30 5.01 15.23
C ASP A 33 -5.94 5.43 16.65
N LEU A 34 -4.78 6.11 16.81
CA LEU A 34 -4.35 6.58 18.13
C LEU A 34 -5.26 7.70 18.64
N GLY A 35 -5.60 8.65 17.76
CA GLY A 35 -6.48 9.77 18.08
C GLY A 35 -7.82 9.31 18.62
N ASN A 36 -8.43 8.29 17.97
CA ASN A 36 -9.69 7.68 18.40
C ASN A 36 -9.54 6.95 19.74
N ASP A 37 -8.41 6.23 19.93
CA ASP A 37 -8.10 5.52 21.17
C ASP A 37 -7.87 6.48 22.35
N LEU A 38 -7.16 7.61 22.12
CA LEU A 38 -6.89 8.60 23.18
C LEU A 38 -8.18 9.28 23.60
N CYS A 39 -9.03 9.65 22.63
CA CYS A 39 -10.31 10.30 22.89
C CYS A 39 -11.26 9.43 23.66
N LYS A 40 -11.25 8.11 23.39
CA LYS A 40 -12.06 7.10 24.09
C LYS A 40 -11.66 7.12 25.59
N ARG A 41 -10.33 7.22 25.88
CA ARG A 41 -9.79 7.28 27.24
C ARG A 41 -10.16 8.59 27.94
N MET A 42 -10.15 9.69 27.17
CA MET A 42 -10.46 11.02 27.69
C MET A 42 -11.98 11.25 27.87
N ASN A 43 -12.80 10.30 27.32
CA ASN A 43 -14.27 10.35 27.29
C ASN A 43 -14.76 11.59 26.51
N ILE A 44 -14.15 11.81 25.35
CA ILE A 44 -14.42 12.94 24.46
C ILE A 44 -14.76 12.40 23.08
N GLU A 45 -15.80 12.95 22.45
CA GLU A 45 -16.22 12.61 21.09
C GLU A 45 -15.12 13.13 20.12
N CYS A 46 -14.75 12.30 19.17
CA CYS A 46 -13.66 12.57 18.26
C CYS A 46 -14.11 12.74 16.80
N LYS A 47 -13.63 13.81 16.14
CA LYS A 47 -13.83 14.03 14.71
C LYS A 47 -12.56 14.55 14.02
N PHE A 48 -12.11 13.84 12.97
CA PHE A 48 -10.91 14.15 12.18
C PHE A 48 -11.21 14.95 10.94
N VAL A 49 -10.45 16.04 10.72
CA VAL A 49 -10.58 16.90 9.53
C VAL A 49 -9.27 16.94 8.75
N GLU A 50 -9.36 17.06 7.43
CA GLU A 50 -8.20 17.15 6.55
C GLU A 50 -7.76 18.62 6.47
N GLN A 51 -6.44 18.84 6.58
CA GLN A 51 -5.86 20.17 6.55
C GLN A 51 -4.48 20.11 5.87
N ALA A 52 -4.28 20.93 4.82
CA ALA A 52 -3.03 21.03 4.08
C ALA A 52 -1.91 21.49 5.04
N TRP A 53 -0.71 20.92 4.87
CA TRP A 53 0.45 21.18 5.74
C TRP A 53 0.77 22.67 6.05
N ASP A 54 0.79 23.54 5.03
CA ASP A 54 1.13 24.95 5.20
C ASP A 54 0.32 25.74 6.25
N GLY A 55 -0.98 25.54 6.30
CA GLY A 55 -1.83 26.23 7.27
C GLY A 55 -2.19 25.47 8.53
N ILE A 56 -1.63 24.25 8.74
CA ILE A 56 -1.95 23.39 9.88
C ILE A 56 -1.78 24.06 11.26
N ILE A 57 -0.64 24.71 11.50
CA ILE A 57 -0.38 25.40 12.78
C ILE A 57 -1.23 26.72 12.90
N PRO A 58 -1.22 27.65 11.91
CA PRO A 58 -2.04 28.88 12.03
C PRO A 58 -3.54 28.63 12.15
N SER A 59 -4.09 27.56 11.51
CA SER A 59 -5.52 27.21 11.62
C SER A 59 -5.84 26.64 13.03
N LEU A 60 -4.86 26.04 13.72
CA LEU A 60 -5.02 25.59 15.11
C LEU A 60 -5.12 26.81 16.05
N THR A 61 -4.17 27.76 15.94
CA THR A 61 -4.14 28.98 16.76
C THR A 61 -5.35 29.88 16.47
N ALA A 62 -5.87 29.81 15.23
CA ALA A 62 -7.04 30.58 14.80
C ALA A 62 -8.35 29.96 15.29
N GLY A 63 -8.27 28.76 15.88
CA GLY A 63 -9.42 28.07 16.46
C GLY A 63 -10.32 27.33 15.49
N ARG A 64 -9.80 26.91 14.32
CA ARG A 64 -10.57 26.16 13.30
C ARG A 64 -10.82 24.72 13.74
N TYR A 65 -9.99 24.24 14.68
CA TYR A 65 -10.02 22.92 15.31
C TYR A 65 -9.26 22.97 16.66
N ASP A 66 -9.29 21.88 17.42
CA ASP A 66 -8.75 21.80 18.78
C ASP A 66 -7.37 21.19 18.92
N ALA A 67 -6.97 20.32 17.99
CA ALA A 67 -5.67 19.63 18.08
C ALA A 67 -5.13 19.21 16.71
N ILE A 68 -3.83 18.91 16.66
CA ILE A 68 -3.15 18.41 15.47
C ILE A 68 -2.56 17.06 15.81
N MET A 69 -2.89 16.06 14.98
CA MET A 69 -2.31 14.70 15.03
C MET A 69 -1.97 14.44 13.59
N ALA A 70 -0.75 14.84 13.20
CA ALA A 70 -0.27 14.79 11.82
C ALA A 70 1.23 14.58 11.74
N ALA A 71 1.76 13.49 12.34
CA ALA A 71 3.19 13.13 12.34
C ALA A 71 4.05 14.32 12.73
N MET A 72 3.53 15.21 13.58
CA MET A 72 4.22 16.44 13.95
C MET A 72 5.34 16.32 14.98
N GLY A 73 6.55 16.53 14.51
CA GLY A 73 7.74 16.57 15.35
C GLY A 73 7.67 17.73 16.33
N ILE A 74 8.01 17.44 17.60
CA ILE A 74 7.98 18.42 18.70
C ILE A 74 9.22 19.31 18.58
N GLN A 75 9.24 20.14 17.56
CA GLN A 75 10.39 20.98 17.35
C GLN A 75 10.39 22.29 18.09
N PRO A 76 11.57 22.72 18.59
CA PRO A 76 11.62 23.99 19.35
C PRO A 76 11.02 25.21 18.63
N ALA A 77 11.13 25.29 17.29
CA ALA A 77 10.55 26.41 16.52
C ALA A 77 8.98 26.39 16.60
N ARG A 78 8.39 25.18 16.57
CA ARG A 78 6.93 25.00 16.67
C ARG A 78 6.44 25.25 18.11
N GLU A 79 7.31 24.96 19.11
CA GLU A 79 7.02 25.19 20.54
C GLU A 79 6.90 26.68 20.89
N LYS A 80 7.40 27.56 20.03
CA LYS A 80 7.28 29.01 20.23
C LYS A 80 5.86 29.48 19.90
N VAL A 81 5.13 28.68 19.10
CA VAL A 81 3.80 29.02 18.60
C VAL A 81 2.71 28.23 19.28
N ILE A 82 2.89 26.92 19.42
CA ILE A 82 1.89 26.04 20.02
C ILE A 82 2.51 25.20 21.14
N ALA A 83 1.65 24.51 21.90
CA ALA A 83 2.06 23.54 22.91
C ALA A 83 1.93 22.13 22.29
N PHE A 84 2.60 21.17 22.92
CA PHE A 84 2.53 19.78 22.48
C PHE A 84 2.23 18.87 23.65
N SER A 85 1.60 17.74 23.36
CA SER A 85 1.42 16.69 24.35
C SER A 85 2.84 16.08 24.54
N ARG A 86 3.01 15.22 25.52
CA ARG A 86 4.25 14.46 25.64
C ARG A 86 4.34 13.58 24.32
N PRO A 87 5.55 13.10 23.92
CA PRO A 87 5.63 12.30 22.67
C PRO A 87 4.81 11.01 22.64
N TYR A 88 4.14 10.72 21.52
CA TYR A 88 3.40 9.46 21.35
C TYR A 88 4.17 8.50 20.44
N LEU A 89 5.27 9.01 19.84
CA LEU A 89 6.16 8.22 18.99
C LEU A 89 7.54 8.85 19.01
N LEU A 90 8.58 8.01 18.91
CA LEU A 90 9.97 8.45 18.84
C LEU A 90 10.55 7.91 17.55
N THR A 91 11.25 8.76 16.80
CA THR A 91 11.87 8.32 15.55
C THR A 91 13.08 9.18 15.18
N PRO A 92 14.20 8.55 14.75
CA PRO A 92 15.30 9.35 14.20
C PRO A 92 14.94 9.82 12.76
N MET A 93 15.77 10.68 12.20
CA MET A 93 15.64 11.21 10.84
C MET A 93 16.79 10.67 10.03
N THR A 94 16.53 10.34 8.76
CA THR A 94 17.58 9.80 7.89
C THR A 94 17.33 10.16 6.43
N PHE A 95 18.30 9.85 5.56
CA PHE A 95 18.24 10.17 4.15
C PHE A 95 17.67 9.08 3.26
N LEU A 96 17.16 9.46 2.09
CA LEU A 96 16.55 8.54 1.14
C LEU A 96 17.14 8.77 -0.23
N THR A 97 17.51 7.68 -0.90
CA THR A 97 17.98 7.72 -2.29
C THR A 97 17.46 6.48 -3.06
N THR A 98 17.91 6.31 -4.31
CA THR A 98 17.59 5.14 -5.13
C THR A 98 18.62 4.02 -4.82
N ALA A 99 18.22 2.76 -5.06
CA ALA A 99 19.06 1.57 -4.82
C ALA A 99 20.33 1.52 -5.68
N ASP A 100 20.32 2.21 -6.84
CA ASP A 100 21.47 2.26 -7.75
C ASP A 100 22.34 3.52 -7.57
N SER A 101 21.99 4.37 -6.59
CA SER A 101 22.70 5.63 -6.35
C SER A 101 24.13 5.46 -5.81
N PRO A 102 25.13 6.19 -6.38
CA PRO A 102 26.50 6.12 -5.83
C PRO A 102 26.61 6.66 -4.39
N LEU A 103 25.59 7.45 -3.92
CA LEU A 103 25.53 7.99 -2.55
C LEU A 103 25.54 6.86 -1.53
N LEU A 104 25.02 5.66 -1.90
CA LEU A 104 24.96 4.46 -1.05
C LEU A 104 26.33 3.89 -0.65
N LYS A 105 27.37 4.19 -1.43
CA LYS A 105 28.72 3.70 -1.11
C LYS A 105 29.42 4.57 -0.07
N THR A 106 28.77 5.71 0.32
CA THR A 106 29.29 6.64 1.33
C THR A 106 29.37 5.94 2.66
N GLN A 107 30.55 5.98 3.27
CA GLN A 107 30.80 5.43 4.58
C GLN A 107 30.07 6.27 5.63
N VAL A 108 29.38 5.64 6.57
CA VAL A 108 28.70 6.32 7.68
C VAL A 108 29.62 6.10 8.91
N ALA A 109 30.26 7.18 9.42
CA ALA A 109 31.17 7.09 10.57
C ALA A 109 30.37 7.16 11.89
N ILE A 110 29.26 7.89 11.89
CA ILE A 110 28.38 8.02 13.07
C ILE A 110 26.97 7.52 12.69
N GLU A 111 26.64 6.30 13.11
CA GLU A 111 25.36 5.63 12.86
C GLU A 111 24.17 6.40 13.48
N ASN A 112 24.30 6.77 14.76
CA ASN A 112 23.28 7.50 15.52
C ASN A 112 23.87 8.84 15.92
N LEU A 113 23.35 9.89 15.28
CA LEU A 113 23.84 11.26 15.38
C LEU A 113 22.94 12.20 16.20
N PRO A 114 23.18 12.39 17.54
CA PRO A 114 22.36 13.35 18.30
C PRO A 114 22.80 14.78 17.95
N LEU A 115 21.83 15.69 17.77
CA LEU A 115 22.12 17.06 17.34
C LEU A 115 21.96 18.16 18.42
N ASP A 116 21.54 17.82 19.66
CA ASP A 116 21.33 18.85 20.71
C ASP A 116 22.61 19.62 20.99
N ASN A 117 23.69 18.85 21.18
CA ASN A 117 25.05 19.33 21.31
C ASN A 117 25.78 18.68 20.14
N ILE A 118 26.55 19.50 19.41
CA ILE A 118 27.32 19.04 18.25
C ILE A 118 28.78 19.17 18.57
N THR A 119 29.46 18.01 18.68
CA THR A 119 30.88 17.91 18.97
C THR A 119 31.65 18.14 17.66
N PRO A 120 32.98 18.41 17.69
CA PRO A 120 33.70 18.58 16.41
C PRO A 120 33.63 17.34 15.52
N GLU A 121 33.55 16.14 16.12
CA GLU A 121 33.44 14.87 15.41
C GLU A 121 32.08 14.75 14.69
N GLN A 122 31.00 15.19 15.35
CA GLN A 122 29.65 15.18 14.79
C GLN A 122 29.52 16.22 13.69
N LYS A 123 30.16 17.41 13.86
CA LYS A 123 30.19 18.48 12.87
C LYS A 123 30.95 17.98 11.63
N ALA A 124 32.08 17.28 11.83
CA ALA A 124 32.90 16.72 10.75
C ALA A 124 32.07 15.74 9.88
N GLU A 125 31.19 14.94 10.54
CA GLU A 125 30.31 13.99 9.87
C GLU A 125 29.22 14.72 9.04
N LEU A 126 28.61 15.77 9.62
CA LEU A 126 27.61 16.60 8.94
C LEU A 126 28.25 17.35 7.77
N ASP A 127 29.51 17.84 7.95
CA ASP A 127 30.28 18.52 6.91
C ASP A 127 30.64 17.59 5.76
N LYS A 128 31.00 16.32 6.07
CA LYS A 128 31.28 15.30 5.05
C LYS A 128 30.04 15.15 4.12
N PHE A 129 28.85 14.92 4.72
CA PHE A 129 27.58 14.72 4.01
C PHE A 129 27.14 15.94 3.25
N THR A 130 27.36 17.14 3.81
CA THR A 130 27.10 18.43 3.13
C THR A 130 27.93 18.50 1.83
N LYS A 131 29.24 18.24 1.91
CA LYS A 131 30.13 18.25 0.74
C LYS A 131 29.78 17.20 -0.32
N ILE A 132 29.26 16.03 0.11
CA ILE A 132 28.82 14.98 -0.81
C ILE A 132 27.50 15.43 -1.45
N PHE A 133 26.60 16.02 -0.65
CA PHE A 133 25.29 16.50 -1.14
C PHE A 133 25.35 17.75 -2.00
N GLU A 134 26.50 18.47 -1.98
CA GLU A 134 26.65 19.69 -2.78
C GLU A 134 26.54 19.43 -4.29
N GLY A 135 26.99 18.26 -4.73
CA GLY A 135 26.89 17.84 -6.14
C GLY A 135 25.72 16.94 -6.43
N VAL A 136 24.56 17.18 -5.73
CA VAL A 136 23.33 16.38 -5.83
C VAL A 136 22.03 17.24 -5.70
N LYS A 137 20.97 16.85 -6.44
CA LYS A 137 19.65 17.49 -6.40
C LYS A 137 18.81 16.93 -5.24
N PHE A 138 18.53 17.75 -4.23
CA PHE A 138 17.71 17.36 -3.08
C PHE A 138 16.31 17.91 -3.21
N GLY A 139 15.35 17.10 -2.84
CA GLY A 139 13.96 17.48 -2.77
C GLY A 139 13.43 17.25 -1.37
N VAL A 140 12.62 18.18 -0.85
CA VAL A 140 12.00 18.11 0.49
C VAL A 140 10.56 18.60 0.41
N GLN A 141 9.73 18.16 1.37
CA GLN A 141 8.38 18.69 1.49
C GLN A 141 8.53 20.03 2.22
N ALA A 142 7.90 21.08 1.67
CA ALA A 142 7.89 22.45 2.22
C ALA A 142 7.24 22.52 3.61
N GLY A 143 7.81 23.36 4.48
CA GLY A 143 7.30 23.61 5.83
C GLY A 143 7.47 22.48 6.83
N THR A 144 8.33 21.51 6.51
CA THR A 144 8.58 20.36 7.37
C THR A 144 9.92 20.53 8.07
N SER A 145 10.21 19.64 9.01
CA SER A 145 11.47 19.58 9.72
C SER A 145 12.58 19.16 8.72
N HIS A 146 12.19 18.53 7.60
CA HIS A 146 13.09 18.09 6.53
C HIS A 146 13.68 19.34 5.86
N GLU A 147 12.82 20.32 5.51
CA GLU A 147 13.26 21.56 4.90
C GLU A 147 14.08 22.38 5.92
N ALA A 148 13.59 22.45 7.18
CA ALA A 148 14.25 23.19 8.26
C ALA A 148 15.68 22.69 8.47
N PHE A 149 15.87 21.33 8.43
CA PHE A 149 17.20 20.73 8.57
C PHE A 149 18.11 21.16 7.44
N MET A 150 17.64 21.02 6.18
CA MET A 150 18.46 21.38 5.01
C MET A 150 18.83 22.87 5.03
N LYS A 151 17.88 23.76 5.33
CA LYS A 151 18.12 25.21 5.39
C LYS A 151 19.12 25.62 6.46
N GLN A 152 19.05 25.04 7.66
CA GLN A 152 19.88 25.38 8.79
C GLN A 152 21.19 24.63 8.83
N MET A 153 21.16 23.31 8.58
CA MET A 153 22.35 22.45 8.69
C MET A 153 23.14 22.22 7.42
N MET A 154 22.52 22.33 6.25
CA MET A 154 23.20 22.11 4.96
C MET A 154 22.76 23.20 3.96
N PRO A 155 22.93 24.51 4.30
CA PRO A 155 22.45 25.59 3.40
C PRO A 155 23.03 25.62 1.99
N SER A 156 24.23 25.07 1.79
CA SER A 156 24.91 25.06 0.49
C SER A 156 24.36 23.98 -0.45
N VAL A 157 23.52 23.10 0.05
CA VAL A 157 22.92 22.04 -0.76
C VAL A 157 21.68 22.61 -1.48
N GLN A 158 21.62 22.38 -2.80
CA GLN A 158 20.52 22.79 -3.66
C GLN A 158 19.28 21.97 -3.28
N ILE A 159 18.23 22.66 -2.81
CA ILE A 159 16.96 22.04 -2.47
C ILE A 159 15.81 22.54 -3.36
N SER A 160 14.90 21.65 -3.68
CA SER A 160 13.63 21.91 -4.34
C SER A 160 12.58 21.59 -3.28
N THR A 161 11.55 22.43 -3.15
CA THR A 161 10.49 22.18 -2.16
C THR A 161 9.18 21.71 -2.81
N TYR A 162 8.46 20.84 -2.13
CA TYR A 162 7.21 20.26 -2.64
C TYR A 162 6.06 20.46 -1.69
N ASP A 163 4.84 20.51 -2.24
CA ASP A 163 3.60 20.60 -1.47
C ASP A 163 3.38 19.38 -0.59
N THR A 164 3.61 18.17 -1.13
CA THR A 164 3.38 16.91 -0.41
C THR A 164 4.58 15.97 -0.49
N ILE A 165 4.66 15.02 0.45
CA ILE A 165 5.72 14.01 0.45
C ILE A 165 5.63 13.04 -0.74
N ASP A 166 4.41 12.78 -1.22
CA ASP A 166 4.18 11.86 -2.34
C ASP A 166 4.84 12.33 -3.62
N ASN A 167 4.86 13.66 -3.84
CA ASN A 167 5.49 14.30 -5.00
C ASN A 167 7.00 14.21 -4.91
N VAL A 168 7.54 14.31 -3.68
CA VAL A 168 8.98 14.15 -3.40
C VAL A 168 9.40 12.71 -3.86
N VAL A 169 8.66 11.69 -3.37
CA VAL A 169 8.89 10.27 -3.67
C VAL A 169 8.77 10.00 -5.20
N MET A 170 7.72 10.54 -5.83
CA MET A 170 7.49 10.41 -7.27
C MET A 170 8.70 10.98 -8.09
N ASP A 171 9.14 12.22 -7.78
CA ASP A 171 10.31 12.84 -8.46
C ASP A 171 11.62 12.10 -8.20
N LEU A 172 11.77 11.53 -7.00
CA LEU A 172 12.93 10.72 -6.69
C LEU A 172 12.93 9.44 -7.54
N LYS A 173 11.77 8.76 -7.63
CA LYS A 173 11.58 7.55 -8.46
C LYS A 173 11.78 7.89 -9.95
N ALA A 174 11.33 9.09 -10.39
CA ALA A 174 11.45 9.57 -11.78
C ALA A 174 12.85 10.08 -12.15
N GLY A 175 13.72 10.30 -11.16
CA GLY A 175 15.08 10.80 -11.42
C GLY A 175 15.21 12.31 -11.55
N ARG A 176 14.18 13.07 -11.10
CA ARG A 176 14.16 14.54 -11.11
C ARG A 176 14.88 15.14 -9.89
N ILE A 177 14.99 14.36 -8.81
CA ILE A 177 15.80 14.65 -7.61
C ILE A 177 16.66 13.40 -7.34
N ASP A 178 17.76 13.56 -6.58
CA ASP A 178 18.70 12.47 -6.28
C ASP A 178 18.57 11.93 -4.84
N ALA A 179 17.99 12.73 -3.95
CA ALA A 179 17.85 12.35 -2.56
C ALA A 179 16.83 13.21 -1.84
N SER A 180 16.45 12.77 -0.66
CA SER A 180 15.54 13.45 0.24
C SER A 180 15.88 12.99 1.67
N LEU A 181 15.06 13.43 2.63
CA LEU A 181 15.16 13.01 4.02
C LEU A 181 13.78 13.08 4.67
N ALA A 182 13.56 12.20 5.63
CA ALA A 182 12.31 12.09 6.40
C ALA A 182 12.63 11.24 7.63
N SER A 183 11.65 10.98 8.51
CA SER A 183 11.91 10.12 9.66
C SER A 183 11.99 8.67 9.22
N VAL A 184 12.63 7.84 10.05
CA VAL A 184 12.70 6.39 9.84
C VAL A 184 11.25 5.83 9.87
N SER A 185 10.38 6.41 10.72
CA SER A 185 8.98 5.98 10.81
C SER A 185 8.23 6.15 9.47
N PHE A 186 8.61 7.15 8.64
CA PHE A 186 8.04 7.33 7.30
C PHE A 186 8.76 6.41 6.27
N LEU A 187 10.09 6.43 6.29
CA LEU A 187 10.97 5.75 5.34
C LEU A 187 11.05 4.24 5.40
N LYS A 188 10.97 3.65 6.60
CA LYS A 188 10.99 2.19 6.72
C LYS A 188 9.74 1.53 6.07
N PRO A 189 8.47 1.90 6.40
CA PRO A 189 7.34 1.28 5.69
C PRO A 189 7.35 1.60 4.19
N LEU A 190 7.85 2.80 3.80
CA LEU A 190 7.98 3.18 2.39
C LEU A 190 8.92 2.21 1.64
N THR A 191 10.14 2.01 2.18
CA THR A 191 11.16 1.14 1.59
C THR A 191 10.89 -0.35 1.77
N ASP A 192 10.04 -0.73 2.75
CA ASP A 192 9.66 -2.13 2.98
C ASP A 192 8.70 -2.65 1.91
N LYS A 193 7.96 -1.75 1.24
CA LYS A 193 7.03 -2.10 0.17
C LYS A 193 7.78 -2.74 -1.00
N PRO A 194 7.26 -3.86 -1.55
CA PRO A 194 7.92 -4.48 -2.73
C PRO A 194 7.93 -3.53 -3.93
N ASP A 195 7.01 -2.54 -3.93
CA ASP A 195 6.84 -1.43 -4.87
C ASP A 195 8.11 -0.57 -4.93
N ASN A 196 8.77 -0.43 -3.76
CA ASN A 196 9.92 0.42 -3.55
C ASN A 196 11.26 -0.26 -3.27
N LYS A 197 11.52 -1.43 -3.90
CA LYS A 197 12.81 -2.09 -3.71
C LYS A 197 13.96 -1.29 -4.36
N ASP A 198 13.61 -0.38 -5.28
CA ASP A 198 14.51 0.54 -5.97
C ASP A 198 14.83 1.82 -5.13
N LEU A 199 14.29 1.91 -3.89
CA LEU A 199 14.53 3.01 -2.95
C LEU A 199 15.24 2.49 -1.71
N LYS A 200 16.17 3.28 -1.15
CA LYS A 200 16.95 2.88 0.03
C LYS A 200 17.23 4.02 1.01
N MET A 201 17.12 3.73 2.31
CA MET A 201 17.48 4.67 3.39
CA MET A 201 17.47 4.67 3.38
C MET A 201 18.99 4.61 3.49
N PHE A 202 19.62 5.70 3.90
CA PHE A 202 21.07 5.76 4.04
C PHE A 202 21.53 6.95 4.88
N GLY A 203 22.79 6.91 5.31
CA GLY A 203 23.40 7.99 6.08
C GLY A 203 23.13 7.87 7.57
N PRO A 204 23.58 8.86 8.37
CA PRO A 204 23.30 8.84 9.82
C PRO A 204 21.81 8.88 10.16
N ARG A 205 21.48 8.38 11.35
CA ARG A 205 20.15 8.43 11.93
C ARG A 205 20.26 9.56 12.96
N MET A 206 19.64 10.70 12.65
CA MET A 206 19.74 11.89 13.48
C MET A 206 18.56 12.11 14.43
N THR A 207 18.87 12.62 15.63
CA THR A 207 17.88 12.94 16.66
C THR A 207 18.20 14.32 17.26
N GLY A 208 17.21 14.91 17.91
CA GLY A 208 17.36 16.18 18.61
C GLY A 208 17.65 17.40 17.75
N GLY A 209 18.20 18.43 18.40
CA GLY A 209 18.52 19.73 17.81
C GLY A 209 17.22 20.36 17.33
N LEU A 210 17.24 20.91 16.13
CA LEU A 210 16.05 21.52 15.52
C LEU A 210 14.85 20.54 15.37
N PHE A 211 15.10 19.20 15.33
CA PHE A 211 14.05 18.18 15.23
C PHE A 211 13.23 18.03 16.53
N GLY A 212 13.85 18.38 17.66
CA GLY A 212 13.27 18.20 18.98
C GLY A 212 13.23 16.71 19.31
N LYS A 213 12.40 16.32 20.27
CA LYS A 213 12.29 14.92 20.65
C LYS A 213 10.85 14.43 20.51
N GLY A 214 10.66 13.44 19.63
CA GLY A 214 9.38 12.79 19.39
C GLY A 214 8.35 13.52 18.54
N VAL A 215 7.23 12.82 18.34
CA VAL A 215 6.04 13.23 17.60
C VAL A 215 4.97 13.42 18.68
N GLY A 216 4.28 14.55 18.65
CA GLY A 216 3.26 14.84 19.65
C GLY A 216 2.02 15.48 19.08
N VAL A 217 0.99 15.59 19.94
CA VAL A 217 -0.28 16.23 19.60
C VAL A 217 -0.06 17.75 19.77
N GLY A 218 -0.33 18.51 18.70
CA GLY A 218 -0.23 19.97 18.72
C GLY A 218 -1.50 20.56 19.31
N ILE A 219 -1.35 21.42 20.34
CA ILE A 219 -2.48 22.03 21.06
C ILE A 219 -2.17 23.51 21.28
N ARG A 220 -3.21 24.37 21.35
CA ARG A 220 -3.03 25.79 21.66
C ARG A 220 -2.46 25.90 23.07
N LYS A 221 -1.54 26.86 23.28
CA LYS A 221 -0.86 27.10 24.56
C LYS A 221 -1.80 27.38 25.73
N GLU A 222 -2.91 28.09 25.48
CA GLU A 222 -3.88 28.44 26.53
C GLU A 222 -4.76 27.26 26.97
N ASP A 223 -4.78 26.17 26.17
CA ASP A 223 -5.56 24.96 26.46
C ASP A 223 -4.77 23.95 27.30
N ALA A 224 -4.35 24.38 28.52
CA ALA A 224 -3.59 23.59 29.50
C ALA A 224 -4.33 22.32 29.93
N ASP A 225 -5.66 22.41 30.14
CA ASP A 225 -6.52 21.29 30.53
C ASP A 225 -6.56 20.20 29.47
N LEU A 226 -6.70 20.58 28.17
CA LEU A 226 -6.70 19.65 27.03
C LEU A 226 -5.35 18.90 26.93
N LYS A 227 -4.22 19.62 27.13
CA LYS A 227 -2.87 19.03 27.14
C LYS A 227 -2.73 18.00 28.27
N ALA A 228 -3.22 18.33 29.49
CA ALA A 228 -3.19 17.45 30.65
C ALA A 228 -3.99 16.15 30.37
N LEU A 229 -5.17 16.28 29.71
CA LEU A 229 -6.02 15.16 29.30
C LEU A 229 -5.28 14.26 28.30
N PHE A 230 -4.67 14.85 27.23
CA PHE A 230 -3.91 14.12 26.22
C PHE A 230 -2.69 13.43 26.83
N ASP A 231 -1.94 14.13 27.70
CA ASP A 231 -0.74 13.58 28.37
C ASP A 231 -1.05 12.31 29.18
N LYS A 232 -2.15 12.34 29.95
CA LYS A 232 -2.65 11.24 30.77
C LYS A 232 -3.09 10.06 29.87
N ALA A 233 -3.86 10.36 28.79
CA ALA A 233 -4.33 9.35 27.83
C ALA A 233 -3.18 8.67 27.10
N ILE A 234 -2.13 9.45 26.71
CA ILE A 234 -0.94 8.96 26.02
C ILE A 234 -0.14 8.06 26.96
N ASP A 235 0.05 8.49 28.23
CA ASP A 235 0.75 7.69 29.24
C ASP A 235 0.07 6.32 29.40
N ALA A 236 -1.29 6.29 29.44
CA ALA A 236 -2.04 5.04 29.57
C ALA A 236 -1.97 4.17 28.31
N ALA A 237 -2.04 4.77 27.10
CA ALA A 237 -1.94 4.05 25.82
C ALA A 237 -0.54 3.43 25.62
N ILE A 238 0.52 4.08 26.16
CA ILE A 238 1.89 3.56 26.11
C ILE A 238 2.01 2.41 27.10
N ALA A 239 1.64 2.64 28.38
CA ALA A 239 1.71 1.66 29.46
C ALA A 239 1.00 0.34 29.16
N ASP A 240 -0.17 0.38 28.50
CA ASP A 240 -0.92 -0.85 28.23
C ASP A 240 -0.56 -1.58 26.92
N GLY A 241 0.40 -1.01 26.17
CA GLY A 241 0.87 -1.60 24.92
C GLY A 241 0.10 -1.22 23.66
N THR A 242 -0.86 -0.28 23.74
CA THR A 242 -1.65 0.16 22.57
C THR A 242 -0.78 0.87 21.52
N VAL A 243 0.10 1.80 21.94
CA VAL A 243 0.96 2.54 21.02
C VAL A 243 1.90 1.57 20.26
N GLN A 244 2.49 0.61 20.97
CA GLN A 244 3.36 -0.43 20.40
C GLN A 244 2.58 -1.28 19.38
N LYS A 245 1.34 -1.67 19.74
CA LYS A 245 0.44 -2.45 18.88
C LYS A 245 0.13 -1.67 17.60
N LEU A 246 -0.26 -0.39 17.72
CA LEU A 246 -0.58 0.45 16.55
C LEU A 246 0.65 0.74 15.71
N SER A 247 1.82 0.90 16.35
CA SER A 247 3.09 1.15 15.66
C SER A 247 3.45 -0.07 14.80
N GLN A 248 3.33 -1.30 15.35
CA GLN A 248 3.60 -2.54 14.61
C GLN A 248 2.67 -2.68 13.40
N GLN A 249 1.39 -2.38 13.60
CA GLN A 249 0.33 -2.45 12.60
C GLN A 249 0.63 -1.54 11.41
N TRP A 250 0.88 -0.24 11.68
CA TRP A 250 1.09 0.78 10.67
C TRP A 250 2.51 0.93 10.16
N PHE A 251 3.54 0.82 11.03
CA PHE A 251 4.94 1.04 10.63
C PHE A 251 5.74 -0.25 10.38
N GLY A 252 5.24 -1.38 10.84
CA GLY A 252 5.90 -2.67 10.70
C GLY A 252 7.02 -2.88 11.70
N TYR A 253 7.11 -2.00 12.73
CA TYR A 253 8.10 -2.05 13.82
C TYR A 253 7.60 -1.21 15.00
N ASP A 254 8.26 -1.33 16.15
CA ASP A 254 7.91 -0.61 17.36
C ASP A 254 8.68 0.72 17.51
N ALA A 255 7.98 1.86 17.35
CA ALA A 255 8.54 3.21 17.50
C ALA A 255 7.94 3.92 18.72
N SER A 256 7.20 3.18 19.57
CA SER A 256 6.55 3.72 20.75
C SER A 256 7.55 4.23 21.79
N PRO A 257 7.24 5.31 22.55
CA PRO A 257 8.20 5.84 23.54
C PRO A 257 8.50 4.91 24.72
N TYR B 4 12.16 -16.47 -31.57
CA TYR B 4 11.88 -15.19 -30.91
C TYR B 4 13.15 -14.51 -30.41
N LYS B 5 13.14 -13.16 -30.46
CA LYS B 5 14.24 -12.31 -30.00
C LYS B 5 13.71 -11.37 -28.93
N SER B 6 12.49 -10.86 -29.15
CA SER B 6 11.78 -9.94 -28.27
C SER B 6 10.26 -10.16 -28.36
N ILE B 7 9.55 -9.99 -27.23
CA ILE B 7 8.10 -10.13 -27.15
C ILE B 7 7.46 -8.98 -26.36
N THR B 8 6.22 -8.63 -26.71
CA THR B 8 5.46 -7.61 -25.99
C THR B 8 4.41 -8.34 -25.14
N ILE B 9 4.44 -8.11 -23.83
CA ILE B 9 3.50 -8.74 -22.89
C ILE B 9 2.55 -7.69 -22.38
N ALA B 10 1.24 -7.93 -22.52
CA ALA B 10 0.24 -7.01 -22.00
C ALA B 10 -0.14 -7.34 -20.59
N THR B 11 -0.39 -6.29 -19.82
CA THR B 11 -0.85 -6.35 -18.45
C THR B 11 -1.92 -5.28 -18.26
N GLU B 12 -2.75 -5.42 -17.21
CA GLU B 12 -3.81 -4.46 -16.94
C GLU B 12 -3.28 -3.13 -16.37
N GLY B 13 -2.39 -3.22 -15.38
CA GLY B 13 -1.81 -2.04 -14.75
C GLY B 13 -2.65 -1.47 -13.63
N SER B 14 -3.72 -2.18 -13.21
CA SER B 14 -4.59 -1.73 -12.13
C SER B 14 -5.18 -2.90 -11.31
N TYR B 15 -4.39 -3.96 -11.13
CA TYR B 15 -4.83 -5.14 -10.40
C TYR B 15 -3.73 -5.54 -9.40
N ALA B 16 -3.50 -4.71 -8.36
CA ALA B 16 -2.49 -4.92 -7.33
C ALA B 16 -2.81 -6.16 -6.50
N PRO B 17 -1.79 -6.99 -6.11
CA PRO B 17 -0.34 -6.83 -6.34
C PRO B 17 0.21 -7.57 -7.57
N TYR B 18 -0.67 -8.07 -8.47
CA TYR B 18 -0.26 -8.76 -9.69
C TYR B 18 0.41 -7.77 -10.65
N ASN B 19 -0.27 -6.65 -10.90
CA ASN B 19 0.18 -5.62 -11.84
C ASN B 19 -0.51 -4.31 -11.54
N PHE B 20 0.29 -3.26 -11.41
CA PHE B 20 -0.17 -1.90 -11.08
C PHE B 20 0.99 -0.94 -11.31
N LYS B 21 0.80 0.31 -10.96
CA LYS B 21 1.80 1.35 -11.17
C LYS B 21 2.40 1.86 -9.87
N ASP B 22 3.73 2.02 -9.84
CA ASP B 22 4.43 2.56 -8.67
C ASP B 22 4.25 4.08 -8.61
N ALA B 23 4.93 4.75 -7.65
CA ALA B 23 4.88 6.19 -7.44
C ALA B 23 5.31 6.98 -8.68
N GLY B 24 6.25 6.41 -9.45
CA GLY B 24 6.75 6.98 -10.70
C GLY B 24 5.94 6.67 -11.95
N GLY B 25 4.89 5.87 -11.82
CA GLY B 25 4.02 5.46 -12.94
C GLY B 25 4.50 4.25 -13.72
N LYS B 26 5.57 3.59 -13.23
CA LYS B 26 6.15 2.39 -13.83
C LYS B 26 5.31 1.17 -13.46
N LEU B 27 5.10 0.23 -14.44
CA LEU B 27 4.38 -1.03 -14.20
C LEU B 27 5.21 -1.91 -13.28
N ILE B 28 4.59 -2.39 -12.20
CA ILE B 28 5.21 -3.24 -11.17
C ILE B 28 4.23 -4.35 -10.80
N GLY B 29 4.69 -5.29 -10.00
CA GLY B 29 3.84 -6.35 -9.49
C GLY B 29 4.41 -7.72 -9.74
N PHE B 30 3.70 -8.74 -9.25
CA PHE B 30 4.09 -10.15 -9.40
C PHE B 30 4.22 -10.54 -10.88
N ASP B 31 3.24 -10.13 -11.72
CA ASP B 31 3.23 -10.44 -13.15
C ASP B 31 4.45 -9.87 -13.87
N ILE B 32 4.86 -8.64 -13.49
CA ILE B 32 5.99 -7.94 -14.09
C ILE B 32 7.31 -8.63 -13.70
N ASP B 33 7.49 -8.93 -12.41
CA ASP B 33 8.69 -9.60 -11.89
C ASP B 33 8.84 -11.01 -12.49
N LEU B 34 7.73 -11.78 -12.53
CA LEU B 34 7.74 -13.11 -13.10
C LEU B 34 7.96 -13.08 -14.60
N GLY B 35 7.27 -12.17 -15.30
CA GLY B 35 7.40 -11.97 -16.74
C GLY B 35 8.82 -11.72 -17.18
N ASN B 36 9.53 -10.84 -16.44
CA ASN B 36 10.94 -10.52 -16.68
C ASN B 36 11.84 -11.72 -16.40
N ASP B 37 11.55 -12.46 -15.31
CA ASP B 37 12.29 -13.67 -14.93
C ASP B 37 12.11 -14.80 -15.97
N LEU B 38 10.88 -14.99 -16.49
CA LEU B 38 10.61 -16.02 -17.49
C LEU B 38 11.33 -15.71 -18.79
N CYS B 39 11.28 -14.44 -19.23
CA CYS B 39 11.93 -14.01 -20.45
C CYS B 39 13.43 -14.13 -20.42
N LYS B 40 14.03 -13.90 -19.23
CA LYS B 40 15.48 -14.05 -18.98
C LYS B 40 15.86 -15.52 -19.24
N ARG B 41 15.00 -16.48 -18.79
CA ARG B 41 15.18 -17.93 -18.97
C ARG B 41 15.01 -18.33 -20.44
N MET B 42 14.06 -17.69 -21.14
CA MET B 42 13.77 -17.97 -22.54
C MET B 42 14.80 -17.32 -23.48
N ASN B 43 15.66 -16.43 -22.93
CA ASN B 43 16.69 -15.65 -23.64
C ASN B 43 16.04 -14.72 -24.68
N ILE B 44 14.93 -14.11 -24.27
CA ILE B 44 14.19 -13.18 -25.11
C ILE B 44 14.06 -11.84 -24.39
N GLU B 45 14.10 -10.76 -25.17
CA GLU B 45 13.95 -9.39 -24.70
C GLU B 45 12.47 -9.20 -24.30
N CYS B 46 12.25 -8.55 -23.17
CA CYS B 46 10.94 -8.37 -22.58
C CYS B 46 10.49 -6.93 -22.52
N LYS B 47 9.27 -6.64 -23.00
CA LYS B 47 8.64 -5.32 -22.87
C LYS B 47 7.16 -5.41 -22.49
N PHE B 48 6.80 -4.74 -21.38
CA PHE B 48 5.44 -4.73 -20.81
C PHE B 48 4.66 -3.52 -21.27
N VAL B 49 3.42 -3.76 -21.72
CA VAL B 49 2.50 -2.70 -22.14
C VAL B 49 1.23 -2.72 -21.31
N GLU B 50 0.65 -1.53 -21.05
CA GLU B 50 -0.59 -1.40 -20.31
C GLU B 50 -1.77 -1.57 -21.28
N GLN B 51 -2.77 -2.36 -20.87
CA GLN B 51 -3.94 -2.65 -21.68
C GLN B 51 -5.16 -2.80 -20.78
N ALA B 52 -6.23 -2.02 -21.05
CA ALA B 52 -7.49 -2.07 -20.30
C ALA B 52 -8.11 -3.46 -20.43
N TRP B 53 -8.70 -3.97 -19.34
CA TRP B 53 -9.27 -5.32 -19.27
C TRP B 53 -10.17 -5.75 -20.40
N ASP B 54 -11.16 -4.93 -20.79
CA ASP B 54 -12.14 -5.28 -21.82
C ASP B 54 -11.56 -5.71 -23.19
N GLY B 55 -10.48 -5.07 -23.64
CA GLY B 55 -9.86 -5.41 -24.91
C GLY B 55 -8.62 -6.30 -24.84
N ILE B 56 -8.23 -6.76 -23.63
CA ILE B 56 -7.03 -7.59 -23.41
C ILE B 56 -6.93 -8.86 -24.27
N ILE B 57 -8.01 -9.67 -24.32
CA ILE B 57 -8.02 -10.89 -25.14
C ILE B 57 -8.13 -10.55 -26.66
N PRO B 58 -9.10 -9.70 -27.12
CA PRO B 58 -9.18 -9.39 -28.56
C PRO B 58 -7.93 -8.69 -29.14
N SER B 59 -7.22 -7.86 -28.33
CA SER B 59 -5.97 -7.20 -28.78
C SER B 59 -4.81 -8.23 -28.90
N LEU B 60 -4.87 -9.35 -28.12
CA LEU B 60 -3.89 -10.44 -28.24
C LEU B 60 -4.11 -11.19 -29.56
N THR B 61 -5.37 -11.60 -29.85
CA THR B 61 -5.73 -12.32 -31.08
C THR B 61 -5.53 -11.44 -32.32
N ALA B 62 -5.65 -10.10 -32.16
CA ALA B 62 -5.44 -9.14 -33.24
C ALA B 62 -3.95 -8.87 -33.51
N GLY B 63 -3.08 -9.40 -32.64
CA GLY B 63 -1.63 -9.28 -32.79
C GLY B 63 -0.99 -7.98 -32.35
N ARG B 64 -1.63 -7.25 -31.40
CA ARG B 64 -1.09 -5.98 -30.87
C ARG B 64 0.09 -6.22 -29.92
N TYR B 65 0.19 -7.45 -29.41
CA TYR B 65 1.24 -7.97 -28.53
C TYR B 65 1.26 -9.51 -28.59
N ASP B 66 2.24 -10.13 -27.93
CA ASP B 66 2.50 -11.56 -27.99
C ASP B 66 1.92 -12.41 -26.88
N ALA B 67 1.74 -11.83 -25.68
CA ALA B 67 1.26 -12.57 -24.51
C ALA B 67 0.52 -11.68 -23.52
N ILE B 68 -0.25 -12.32 -22.62
CA ILE B 68 -0.95 -11.67 -21.53
C ILE B 68 -0.45 -12.25 -20.22
N MET B 69 -0.01 -11.37 -19.31
CA MET B 69 0.37 -11.70 -17.93
C MET B 69 -0.35 -10.65 -17.11
N ALA B 70 -1.62 -10.96 -16.75
CA ALA B 70 -2.52 -10.05 -16.08
C ALA B 70 -3.50 -10.79 -15.18
N ALA B 71 -2.99 -11.55 -14.20
CA ALA B 71 -3.80 -12.32 -13.22
C ALA B 71 -4.89 -13.14 -13.92
N MET B 72 -4.64 -13.60 -15.14
CA MET B 72 -5.65 -14.29 -15.93
C MET B 72 -5.91 -15.75 -15.60
N GLY B 73 -7.10 -16.00 -15.07
CA GLY B 73 -7.60 -17.34 -14.74
C GLY B 73 -7.75 -18.17 -16.00
N ILE B 74 -7.23 -19.42 -15.96
CA ILE B 74 -7.27 -20.36 -17.08
C ILE B 74 -8.69 -20.94 -17.20
N GLN B 75 -9.65 -20.08 -17.57
CA GLN B 75 -11.07 -20.40 -17.68
C GLN B 75 -11.37 -21.21 -18.94
N PRO B 76 -12.20 -22.27 -18.87
CA PRO B 76 -12.59 -23.01 -20.10
C PRO B 76 -13.19 -22.12 -21.21
N ALA B 77 -13.92 -21.04 -20.86
CA ALA B 77 -14.50 -20.13 -21.87
C ALA B 77 -13.37 -19.36 -22.60
N ARG B 78 -12.30 -18.97 -21.87
CA ARG B 78 -11.14 -18.27 -22.48
C ARG B 78 -10.30 -19.24 -23.33
N GLU B 79 -10.27 -20.53 -22.95
CA GLU B 79 -9.54 -21.57 -23.68
C GLU B 79 -10.13 -21.86 -25.08
N LYS B 80 -11.38 -21.42 -25.33
CA LYS B 80 -12.02 -21.56 -26.63
C LYS B 80 -11.48 -20.50 -27.60
N VAL B 81 -10.92 -19.41 -27.06
CA VAL B 81 -10.41 -18.28 -27.83
C VAL B 81 -8.90 -18.23 -27.92
N ILE B 82 -8.22 -18.41 -26.80
CA ILE B 82 -6.76 -18.35 -26.74
C ILE B 82 -6.19 -19.61 -26.07
N ALA B 83 -4.87 -19.76 -26.13
CA ALA B 83 -4.15 -20.83 -25.44
C ALA B 83 -3.55 -20.22 -24.15
N PHE B 84 -3.17 -21.08 -23.21
CA PHE B 84 -2.54 -20.67 -21.97
C PHE B 84 -1.31 -21.48 -21.71
N SER B 85 -0.37 -20.88 -20.98
CA SER B 85 0.80 -21.61 -20.49
C SER B 85 0.27 -22.49 -19.36
N ARG B 86 1.16 -23.32 -18.79
CA ARG B 86 0.82 -24.10 -17.61
C ARG B 86 0.61 -23.09 -16.43
N PRO B 87 -0.22 -23.38 -15.38
CA PRO B 87 -0.42 -22.35 -14.34
C PRO B 87 0.86 -21.87 -13.65
N TYR B 88 0.98 -20.55 -13.41
CA TYR B 88 2.13 -20.01 -12.68
C TYR B 88 1.70 -19.63 -11.24
N LEU B 89 0.39 -19.71 -10.96
CA LEU B 89 -0.18 -19.45 -9.64
C LEU B 89 -1.48 -20.21 -9.48
N LEU B 90 -1.79 -20.64 -8.25
CA LEU B 90 -3.05 -21.32 -7.92
C LEU B 90 -3.75 -20.51 -6.83
N THR B 91 -5.06 -20.30 -6.99
CA THR B 91 -5.83 -19.53 -6.00
C THR B 91 -7.33 -19.85 -6.02
N PRO B 92 -7.98 -20.04 -4.84
CA PRO B 92 -9.44 -20.15 -4.82
C PRO B 92 -10.08 -18.77 -4.99
N MET B 93 -11.41 -18.73 -5.16
CA MET B 93 -12.22 -17.50 -5.30
C MET B 93 -13.09 -17.37 -4.08
N THR B 94 -13.30 -16.15 -3.59
CA THR B 94 -14.14 -15.92 -2.40
C THR B 94 -14.83 -14.56 -2.44
N PHE B 95 -15.73 -14.31 -1.49
CA PHE B 95 -16.50 -13.08 -1.41
C PHE B 95 -15.89 -12.01 -0.53
N LEU B 96 -16.24 -10.76 -0.78
CA LEU B 96 -15.73 -9.63 -0.03
C LEU B 96 -16.87 -8.74 0.44
N THR B 97 -16.83 -8.37 1.72
CA THR B 97 -17.78 -7.42 2.30
C THR B 97 -17.09 -6.53 3.33
N THR B 98 -17.86 -5.69 4.04
CA THR B 98 -17.36 -4.84 5.11
C THR B 98 -17.40 -5.64 6.43
N ALA B 99 -16.53 -5.27 7.39
CA ALA B 99 -16.43 -5.91 8.70
C ALA B 99 -17.73 -5.80 9.55
N ASP B 100 -18.57 -4.79 9.29
CA ASP B 100 -19.82 -4.57 10.01
C ASP B 100 -21.05 -5.13 9.27
N SER B 101 -20.85 -5.77 8.12
CA SER B 101 -21.93 -6.29 7.28
C SER B 101 -22.70 -7.45 7.89
N PRO B 102 -24.06 -7.42 7.81
CA PRO B 102 -24.86 -8.56 8.30
C PRO B 102 -24.63 -9.87 7.51
N LEU B 103 -24.05 -9.78 6.28
CA LEU B 103 -23.69 -10.95 5.45
C LEU B 103 -22.70 -11.87 6.17
N LEU B 104 -21.86 -11.31 7.07
CA LEU B 104 -20.86 -12.03 7.87
C LEU B 104 -21.47 -13.01 8.87
N LYS B 105 -22.75 -12.83 9.24
CA LYS B 105 -23.41 -13.74 10.18
C LYS B 105 -23.90 -15.05 9.55
N THR B 106 -23.79 -15.19 8.21
CA THR B 106 -24.16 -16.42 7.51
C THR B 106 -23.02 -17.44 7.70
N GLN B 107 -23.34 -18.57 8.37
CA GLN B 107 -22.43 -19.68 8.67
C GLN B 107 -21.97 -20.34 7.36
N VAL B 108 -20.68 -20.71 7.27
CA VAL B 108 -20.11 -21.38 6.09
C VAL B 108 -20.01 -22.87 6.46
N ALA B 109 -20.83 -23.72 5.81
CA ALA B 109 -20.82 -25.17 6.04
C ALA B 109 -19.72 -25.86 5.23
N ILE B 110 -19.37 -25.32 4.06
CA ILE B 110 -18.32 -25.84 3.17
C ILE B 110 -17.26 -24.76 2.96
N GLU B 111 -16.14 -24.88 3.69
CA GLU B 111 -15.00 -23.96 3.66
C GLU B 111 -14.32 -23.93 2.28
N ASN B 112 -14.05 -25.13 1.71
CA ASN B 112 -13.41 -25.29 0.40
C ASN B 112 -14.39 -25.97 -0.53
N LEU B 113 -14.89 -25.20 -1.50
CA LEU B 113 -15.95 -25.59 -2.42
C LEU B 113 -15.48 -25.85 -3.87
N PRO B 114 -15.14 -27.11 -4.25
CA PRO B 114 -14.79 -27.38 -5.65
C PRO B 114 -16.05 -27.35 -6.52
N LEU B 115 -15.97 -26.75 -7.72
CA LEU B 115 -17.14 -26.58 -8.59
C LEU B 115 -17.22 -27.50 -9.79
N ASP B 116 -16.32 -28.48 -9.83
CA ASP B 116 -16.20 -29.47 -10.91
C ASP B 116 -17.35 -30.44 -10.99
N ASN B 117 -17.78 -30.99 -9.84
CA ASN B 117 -18.87 -31.98 -9.81
C ASN B 117 -19.77 -31.72 -8.61
N ILE B 118 -20.67 -30.73 -8.76
CA ILE B 118 -21.52 -30.19 -7.70
C ILE B 118 -22.48 -31.21 -7.10
N THR B 119 -22.22 -31.56 -5.84
CA THR B 119 -23.01 -32.52 -5.07
C THR B 119 -24.25 -31.80 -4.50
N PRO B 120 -25.28 -32.49 -3.97
CA PRO B 120 -26.43 -31.77 -3.38
C PRO B 120 -26.02 -30.85 -2.21
N GLU B 121 -24.99 -31.25 -1.42
CA GLU B 121 -24.48 -30.45 -0.29
C GLU B 121 -23.79 -29.17 -0.78
N GLN B 122 -23.08 -29.28 -1.92
CA GLN B 122 -22.38 -28.14 -2.52
C GLN B 122 -23.38 -27.18 -3.15
N LYS B 123 -24.45 -27.73 -3.78
CA LYS B 123 -25.54 -26.95 -4.37
C LYS B 123 -26.28 -26.19 -3.25
N ALA B 124 -26.58 -26.86 -2.11
CA ALA B 124 -27.27 -26.24 -0.97
C ALA B 124 -26.48 -25.04 -0.43
N GLU B 125 -25.14 -25.15 -0.35
CA GLU B 125 -24.23 -24.07 0.09
C GLU B 125 -24.29 -22.88 -0.89
N LEU B 126 -24.25 -23.16 -2.22
CA LEU B 126 -24.34 -22.13 -3.26
C LEU B 126 -25.71 -21.43 -3.24
N ASP B 127 -26.81 -22.20 -3.05
CA ASP B 127 -28.18 -21.68 -2.97
C ASP B 127 -28.40 -20.77 -1.76
N LYS B 128 -27.73 -21.07 -0.63
CA LYS B 128 -27.78 -20.29 0.62
C LYS B 128 -27.17 -18.90 0.39
N PHE B 129 -25.93 -18.85 -0.16
CA PHE B 129 -25.25 -17.60 -0.47
C PHE B 129 -25.95 -16.83 -1.58
N THR B 130 -26.60 -17.53 -2.54
CA THR B 130 -27.39 -16.90 -3.60
C THR B 130 -28.53 -16.04 -3.00
N LYS B 131 -29.31 -16.63 -2.06
CA LYS B 131 -30.46 -15.98 -1.40
C LYS B 131 -30.08 -14.69 -0.67
N ILE B 132 -28.92 -14.70 0.05
CA ILE B 132 -28.44 -13.53 0.79
C ILE B 132 -27.96 -12.41 -0.14
N PHE B 133 -27.40 -12.76 -1.32
CA PHE B 133 -26.93 -11.75 -2.29
C PHE B 133 -28.06 -11.12 -3.09
N GLU B 134 -29.19 -11.86 -3.24
CA GLU B 134 -30.39 -11.41 -3.96
C GLU B 134 -30.94 -10.08 -3.39
N GLY B 135 -30.99 -9.96 -2.06
CA GLY B 135 -31.48 -8.76 -1.40
C GLY B 135 -30.38 -7.80 -0.96
N VAL B 136 -29.28 -7.72 -1.76
CA VAL B 136 -28.10 -6.89 -1.48
C VAL B 136 -27.51 -6.25 -2.78
N LYS B 137 -26.77 -5.13 -2.64
CA LYS B 137 -26.11 -4.49 -3.79
C LYS B 137 -24.78 -5.20 -4.08
N PHE B 138 -24.67 -5.86 -5.26
CA PHE B 138 -23.49 -6.63 -5.65
C PHE B 138 -22.76 -6.01 -6.83
N GLY B 139 -21.47 -5.75 -6.66
CA GLY B 139 -20.62 -5.15 -7.68
C GLY B 139 -19.49 -6.06 -8.10
N VAL B 140 -19.20 -6.09 -9.40
CA VAL B 140 -18.12 -6.89 -9.99
C VAL B 140 -17.38 -6.08 -11.04
N GLN B 141 -16.12 -6.44 -11.32
CA GLN B 141 -15.39 -5.86 -12.42
C GLN B 141 -15.89 -6.58 -13.69
N ALA B 142 -16.26 -5.79 -14.71
CA ALA B 142 -16.75 -6.28 -16.00
C ALA B 142 -15.71 -7.12 -16.75
N GLY B 143 -16.17 -8.17 -17.43
CA GLY B 143 -15.35 -9.07 -18.24
C GLY B 143 -14.40 -9.97 -17.48
N THR B 144 -14.63 -10.13 -16.19
CA THR B 144 -13.78 -10.99 -15.35
C THR B 144 -14.50 -12.30 -15.04
N SER B 145 -13.78 -13.25 -14.41
CA SER B 145 -14.33 -14.53 -13.96
C SER B 145 -15.33 -14.24 -12.82
N HIS B 146 -15.22 -13.07 -12.17
CA HIS B 146 -16.10 -12.62 -11.09
C HIS B 146 -17.51 -12.39 -11.70
N GLU B 147 -17.59 -11.66 -12.82
CA GLU B 147 -18.85 -11.42 -13.51
C GLU B 147 -19.40 -12.72 -14.09
N ALA B 148 -18.51 -13.54 -14.72
CA ALA B 148 -18.88 -14.83 -15.32
C ALA B 148 -19.50 -15.76 -14.26
N PHE B 149 -18.93 -15.81 -13.04
CA PHE B 149 -19.47 -16.62 -11.95
C PHE B 149 -20.88 -16.15 -11.59
N MET B 150 -21.07 -14.83 -11.36
CA MET B 150 -22.38 -14.28 -10.99
C MET B 150 -23.43 -14.56 -12.08
N LYS B 151 -23.09 -14.32 -13.35
CA LYS B 151 -23.99 -14.55 -14.49
C LYS B 151 -24.39 -16.04 -14.66
N GLN B 152 -23.42 -16.95 -14.50
CA GLN B 152 -23.65 -18.38 -14.66
C GLN B 152 -24.22 -19.09 -13.42
N MET B 153 -23.62 -18.84 -12.25
CA MET B 153 -23.94 -19.53 -11.00
C MET B 153 -24.96 -18.84 -10.11
N MET B 154 -25.08 -17.51 -10.22
CA MET B 154 -26.03 -16.74 -9.40
C MET B 154 -26.84 -15.77 -10.31
N PRO B 155 -27.50 -16.25 -11.40
CA PRO B 155 -28.23 -15.32 -12.30
C PRO B 155 -29.36 -14.51 -11.67
N SER B 156 -29.93 -14.99 -10.55
CA SER B 156 -31.02 -14.31 -9.84
C SER B 156 -30.51 -13.09 -9.04
N VAL B 157 -29.19 -12.94 -8.92
CA VAL B 157 -28.56 -11.82 -8.19
C VAL B 157 -28.28 -10.71 -9.21
N GLN B 158 -28.97 -9.57 -9.04
CA GLN B 158 -28.80 -8.39 -9.88
C GLN B 158 -27.44 -7.80 -9.49
N ILE B 159 -26.57 -7.59 -10.49
CA ILE B 159 -25.20 -7.10 -10.31
C ILE B 159 -24.92 -5.78 -11.05
N SER B 160 -23.98 -4.98 -10.51
CA SER B 160 -23.48 -3.72 -11.10
C SER B 160 -22.08 -4.05 -11.61
N THR B 161 -21.73 -3.58 -12.82
CA THR B 161 -20.40 -3.87 -13.38
C THR B 161 -19.52 -2.64 -13.40
N TYR B 162 -18.22 -2.84 -13.20
CA TYR B 162 -17.24 -1.75 -13.14
C TYR B 162 -16.10 -1.95 -14.12
N ASP B 163 -15.50 -0.83 -14.56
CA ASP B 163 -14.33 -0.83 -15.44
C ASP B 163 -13.11 -1.50 -14.79
N THR B 164 -12.84 -1.14 -13.52
CA THR B 164 -11.68 -1.62 -12.77
C THR B 164 -12.05 -2.15 -11.39
N ILE B 165 -11.15 -2.99 -10.81
CA ILE B 165 -11.35 -3.54 -9.46
C ILE B 165 -11.27 -2.46 -8.38
N ASP B 166 -10.47 -1.41 -8.61
CA ASP B 166 -10.31 -0.31 -7.66
C ASP B 166 -11.60 0.43 -7.39
N ASN B 167 -12.44 0.59 -8.43
CA ASN B 167 -13.76 1.23 -8.35
C ASN B 167 -14.75 0.37 -7.58
N VAL B 168 -14.64 -0.97 -7.72
CA VAL B 168 -15.45 -1.93 -6.98
C VAL B 168 -15.13 -1.74 -5.47
N VAL B 169 -13.83 -1.78 -5.10
CA VAL B 169 -13.33 -1.63 -3.73
C VAL B 169 -13.72 -0.27 -3.14
N MET B 170 -13.57 0.82 -3.92
CA MET B 170 -13.94 2.19 -3.52
C MET B 170 -15.42 2.24 -3.15
N ASP B 171 -16.29 1.75 -4.07
CA ASP B 171 -17.74 1.73 -3.89
C ASP B 171 -18.17 0.88 -2.70
N LEU B 172 -17.47 -0.24 -2.46
CA LEU B 172 -17.71 -1.10 -1.30
C LEU B 172 -17.35 -0.34 0.01
N LYS B 173 -16.18 0.33 0.02
CA LYS B 173 -15.72 1.13 1.16
C LYS B 173 -16.66 2.32 1.41
N ALA B 174 -17.17 2.93 0.32
CA ALA B 174 -18.09 4.09 0.38
C ALA B 174 -19.52 3.69 0.70
N GLY B 175 -19.81 2.39 0.67
CA GLY B 175 -21.14 1.86 0.96
C GLY B 175 -22.11 1.94 -0.19
N ARG B 176 -21.62 2.16 -1.42
CA ARG B 176 -22.46 2.22 -2.64
C ARG B 176 -22.86 0.81 -3.10
N ILE B 177 -22.03 -0.18 -2.78
CA ILE B 177 -22.28 -1.61 -3.01
C ILE B 177 -22.09 -2.31 -1.66
N ASP B 178 -22.66 -3.51 -1.51
CA ASP B 178 -22.60 -4.25 -0.26
C ASP B 178 -21.65 -5.45 -0.27
N ALA B 179 -21.34 -5.97 -1.47
CA ALA B 179 -20.46 -7.13 -1.60
C ALA B 179 -19.87 -7.26 -3.00
N SER B 180 -18.81 -8.09 -3.11
CA SER B 180 -18.13 -8.43 -4.35
C SER B 180 -17.47 -9.80 -4.21
N LEU B 181 -16.71 -10.22 -5.22
CA LEU B 181 -15.93 -11.44 -5.21
C LEU B 181 -14.70 -11.27 -6.08
N ALA B 182 -13.61 -11.98 -5.72
CA ALA B 182 -12.32 -11.98 -6.41
C ALA B 182 -11.53 -13.19 -5.88
N SER B 183 -10.31 -13.44 -6.38
CA SER B 183 -9.50 -14.55 -5.87
C SER B 183 -8.95 -14.19 -4.50
N VAL B 184 -8.56 -15.21 -3.72
CA VAL B 184 -7.90 -15.07 -2.43
C VAL B 184 -6.55 -14.34 -2.67
N SER B 185 -5.87 -14.61 -3.81
CA SER B 185 -4.60 -13.95 -4.13
C SER B 185 -4.76 -12.41 -4.25
N PHE B 186 -5.96 -11.92 -4.65
CA PHE B 186 -6.25 -10.48 -4.70
C PHE B 186 -6.70 -9.98 -3.30
N LEU B 187 -7.66 -10.69 -2.69
CA LEU B 187 -8.32 -10.34 -1.44
C LEU B 187 -7.51 -10.45 -0.16
N LYS B 188 -6.60 -11.43 -0.06
CA LYS B 188 -5.75 -11.55 1.14
C LYS B 188 -4.80 -10.35 1.30
N PRO B 189 -3.94 -9.95 0.29
CA PRO B 189 -3.11 -8.74 0.50
C PRO B 189 -3.97 -7.48 0.68
N LEU B 190 -5.15 -7.40 0.03
CA LEU B 190 -6.08 -6.28 0.18
C LEU B 190 -6.56 -6.16 1.66
N THR B 191 -7.08 -7.27 2.22
CA THR B 191 -7.61 -7.31 3.60
C THR B 191 -6.53 -7.35 4.68
N ASP B 192 -5.28 -7.72 4.31
CA ASP B 192 -4.14 -7.73 5.25
C ASP B 192 -3.66 -6.32 5.56
N LYS B 193 -3.93 -5.35 4.66
CA LYS B 193 -3.53 -3.95 4.86
C LYS B 193 -4.26 -3.37 6.07
N PRO B 194 -3.54 -2.63 6.97
CA PRO B 194 -4.22 -1.99 8.11
C PRO B 194 -5.27 -0.97 7.63
N ASP B 195 -5.11 -0.49 6.37
CA ASP B 195 -5.98 0.42 5.61
C ASP B 195 -7.38 -0.18 5.49
N ASN B 196 -7.42 -1.51 5.34
CA ASN B 196 -8.63 -2.30 5.09
C ASN B 196 -9.08 -3.23 6.20
N LYS B 197 -8.93 -2.78 7.46
CA LYS B 197 -9.36 -3.48 8.68
C LYS B 197 -10.90 -3.59 8.73
N ASP B 198 -11.58 -2.68 8.00
CA ASP B 198 -13.03 -2.58 7.84
C ASP B 198 -13.58 -3.47 6.69
N LEU B 199 -12.70 -4.25 6.01
CA LEU B 199 -13.05 -5.17 4.92
C LEU B 199 -12.75 -6.60 5.35
N LYS B 200 -13.62 -7.55 4.93
CA LYS B 200 -13.48 -8.95 5.29
C LYS B 200 -13.84 -9.88 4.14
N MET B 201 -13.02 -10.94 3.98
CA MET B 201 -13.26 -12.04 3.06
C MET B 201 -14.31 -12.90 3.79
N PHE B 202 -15.23 -13.52 3.05
CA PHE B 202 -16.26 -14.36 3.65
C PHE B 202 -16.83 -15.33 2.63
N GLY B 203 -17.53 -16.33 3.14
CA GLY B 203 -18.15 -17.36 2.33
C GLY B 203 -17.18 -18.46 1.96
N PRO B 204 -17.65 -19.42 1.14
CA PRO B 204 -16.77 -20.50 0.69
C PRO B 204 -15.61 -20.02 -0.18
N ARG B 205 -14.53 -20.82 -0.19
CA ARG B 205 -13.36 -20.63 -1.03
C ARG B 205 -13.58 -21.62 -2.18
N MET B 206 -13.93 -21.09 -3.36
CA MET B 206 -14.28 -21.89 -4.54
C MET B 206 -13.18 -22.11 -5.53
N THR B 207 -13.13 -23.32 -6.12
CA THR B 207 -12.16 -23.70 -7.15
C THR B 207 -12.88 -24.43 -8.30
N GLY B 208 -12.22 -24.48 -9.46
CA GLY B 208 -12.69 -25.20 -10.64
C GLY B 208 -13.95 -24.66 -11.29
N GLY B 209 -14.59 -25.53 -12.05
CA GLY B 209 -15.80 -25.22 -12.82
C GLY B 209 -15.44 -24.21 -13.88
N LEU B 210 -16.25 -23.12 -13.99
CA LEU B 210 -16.00 -22.04 -14.93
C LEU B 210 -14.69 -21.26 -14.64
N PHE B 211 -14.17 -21.33 -13.39
CA PHE B 211 -12.93 -20.65 -13.02
C PHE B 211 -11.69 -21.32 -13.62
N GLY B 212 -11.81 -22.61 -13.92
CA GLY B 212 -10.70 -23.42 -14.40
C GLY B 212 -9.70 -23.65 -13.28
N LYS B 213 -8.47 -24.00 -13.64
CA LYS B 213 -7.42 -24.25 -12.66
C LYS B 213 -6.21 -23.34 -12.91
N GLY B 214 -5.92 -22.49 -11.94
CA GLY B 214 -4.79 -21.58 -11.96
C GLY B 214 -4.86 -20.34 -12.82
N VAL B 215 -3.78 -19.54 -12.73
CA VAL B 215 -3.51 -18.31 -13.45
C VAL B 215 -2.38 -18.65 -14.42
N GLY B 216 -2.55 -18.30 -15.69
CA GLY B 216 -1.56 -18.59 -16.71
C GLY B 216 -1.29 -17.45 -17.66
N VAL B 217 -0.27 -17.64 -18.51
CA VAL B 217 0.09 -16.67 -19.56
C VAL B 217 -0.83 -16.95 -20.75
N GLY B 218 -1.56 -15.92 -21.20
CA GLY B 218 -2.45 -15.99 -22.35
C GLY B 218 -1.65 -15.82 -23.62
N ILE B 219 -1.77 -16.79 -24.55
CA ILE B 219 -1.02 -16.80 -25.82
C ILE B 219 -1.98 -17.18 -26.97
N ARG B 220 -1.71 -16.69 -28.20
CA ARG B 220 -2.50 -17.07 -29.37
C ARG B 220 -2.32 -18.57 -29.60
N LYS B 221 -3.39 -19.25 -30.02
CA LYS B 221 -3.40 -20.70 -30.26
C LYS B 221 -2.41 -21.18 -31.31
N GLU B 222 -2.14 -20.37 -32.35
CA GLU B 222 -1.21 -20.72 -33.41
C GLU B 222 0.27 -20.61 -33.00
N ASP B 223 0.53 -19.92 -31.87
CA ASP B 223 1.88 -19.73 -31.33
C ASP B 223 2.29 -20.85 -30.36
N ALA B 224 2.30 -22.10 -30.87
CA ALA B 224 2.66 -23.33 -30.15
C ALA B 224 4.07 -23.27 -29.58
N ASP B 225 5.04 -22.74 -30.36
CA ASP B 225 6.45 -22.58 -29.98
C ASP B 225 6.63 -21.66 -28.77
N LEU B 226 5.91 -20.52 -28.76
CA LEU B 226 5.92 -19.54 -27.66
C LEU B 226 5.37 -20.16 -26.37
N LYS B 227 4.27 -20.95 -26.47
CA LYS B 227 3.68 -21.67 -25.34
C LYS B 227 4.69 -22.69 -24.75
N ALA B 228 5.38 -23.45 -25.62
CA ALA B 228 6.39 -24.42 -25.21
C ALA B 228 7.54 -23.74 -24.45
N LEU B 229 7.98 -22.55 -24.93
CA LEU B 229 9.02 -21.73 -24.29
C LEU B 229 8.57 -21.27 -22.90
N PHE B 230 7.34 -20.72 -22.79
CA PHE B 230 6.76 -20.26 -21.51
C PHE B 230 6.58 -21.41 -20.53
N ASP B 231 6.06 -22.57 -21.00
CA ASP B 231 5.86 -23.77 -20.17
C ASP B 231 7.14 -24.26 -19.52
N LYS B 232 8.24 -24.32 -20.30
CA LYS B 232 9.57 -24.72 -19.87
C LYS B 232 10.13 -23.71 -18.84
N ALA B 233 10.00 -22.39 -19.14
CA ALA B 233 10.47 -21.32 -18.26
C ALA B 233 9.72 -21.32 -16.92
N ILE B 234 8.39 -21.56 -16.94
CA ILE B 234 7.53 -21.63 -15.76
C ILE B 234 7.90 -22.83 -14.91
N ASP B 235 8.11 -24.00 -15.55
CA ASP B 235 8.52 -25.21 -14.86
C ASP B 235 9.84 -24.98 -14.10
N ALA B 236 10.81 -24.30 -14.74
CA ALA B 236 12.10 -23.98 -14.11
C ALA B 236 11.97 -22.93 -12.99
N ALA B 237 11.13 -21.88 -13.17
CA ALA B 237 10.90 -20.85 -12.14
C ALA B 237 10.19 -21.43 -10.90
N ILE B 238 9.33 -22.46 -11.08
CA ILE B 238 8.66 -23.16 -9.98
C ILE B 238 9.69 -24.05 -9.26
N ALA B 239 10.38 -24.91 -10.02
CA ALA B 239 11.39 -25.84 -9.50
C ALA B 239 12.51 -25.19 -8.68
N ASP B 240 12.98 -23.99 -9.07
CA ASP B 240 14.05 -23.34 -8.34
C ASP B 240 13.61 -22.43 -7.17
N GLY B 241 12.29 -22.32 -6.96
CA GLY B 241 11.71 -21.54 -5.88
C GLY B 241 11.45 -20.06 -6.17
N THR B 242 11.63 -19.62 -7.43
CA THR B 242 11.40 -18.21 -7.83
C THR B 242 9.93 -17.80 -7.69
N VAL B 243 8.99 -18.65 -8.16
CA VAL B 243 7.55 -18.33 -8.08
C VAL B 243 7.10 -18.18 -6.60
N GLN B 244 7.54 -19.11 -5.72
CA GLN B 244 7.27 -19.08 -4.28
C GLN B 244 7.84 -17.78 -3.66
N LYS B 245 9.10 -17.42 -4.03
CA LYS B 245 9.77 -16.22 -3.56
C LYS B 245 8.97 -14.98 -3.96
N LEU B 246 8.57 -14.87 -5.25
CA LEU B 246 7.82 -13.72 -5.74
C LEU B 246 6.43 -13.66 -5.15
N SER B 247 5.79 -14.82 -4.92
CA SER B 247 4.46 -14.91 -4.33
C SER B 247 4.51 -14.35 -2.90
N GLN B 248 5.53 -14.76 -2.09
CA GLN B 248 5.69 -14.27 -0.71
C GLN B 248 5.89 -12.75 -0.69
N GLN B 249 6.73 -12.24 -1.60
CA GLN B 249 7.06 -10.84 -1.75
C GLN B 249 5.81 -9.99 -2.01
N TRP B 250 5.04 -10.36 -3.05
CA TRP B 250 3.87 -9.62 -3.51
C TRP B 250 2.54 -9.94 -2.81
N PHE B 251 2.27 -11.22 -2.49
CA PHE B 251 0.98 -11.62 -1.89
C PHE B 251 1.02 -11.81 -0.36
N GLY B 252 2.23 -11.93 0.21
CA GLY B 252 2.41 -12.15 1.64
C GLY B 252 2.18 -13.60 2.05
N TYR B 253 2.09 -14.51 1.06
CA TYR B 253 1.90 -15.96 1.25
C TYR B 253 2.30 -16.70 -0.03
N ASP B 254 2.42 -18.02 0.06
CA ASP B 254 2.81 -18.89 -1.06
C ASP B 254 1.60 -19.42 -1.82
N ALA B 255 1.39 -18.93 -3.06
CA ALA B 255 0.30 -19.38 -3.94
C ALA B 255 0.87 -20.12 -5.17
N SER B 256 2.19 -20.41 -5.15
CA SER B 256 2.87 -21.08 -6.26
C SER B 256 2.34 -22.50 -6.49
N PRO B 257 2.30 -23.01 -7.76
CA PRO B 257 1.77 -24.36 -8.00
C PRO B 257 2.62 -25.50 -7.42
O AQQ C . 9.81 13.57 9.52
C AQQ C . 8.80 12.86 9.61
CA AQQ C . 7.67 13.25 10.60
CB AQQ C . 7.78 12.42 11.87
N AQQ C . 7.67 14.69 10.96
CAN AQQ C . 7.51 15.66 9.90
CAL AQQ C . 7.60 17.05 10.53
OAF AQQ C . 7.81 18.09 9.84
OAD AQQ C . 7.41 17.19 11.78
CAI AQQ C . 6.12 15.46 9.26
CAH AQQ C . 5.85 16.09 7.91
CAG AQQ C . 4.39 15.82 7.55
NAB AQQ C . 3.94 16.64 6.42
OXT AQQ C . 8.70 11.83 8.88
C1 EDO D . 33.83 9.45 -0.90
O1 EDO D . 32.65 9.06 -0.20
C2 EDO D . 35.01 8.51 -0.56
O2 EDO D . 35.97 8.52 -1.62
C1 EDO E . 10.31 29.91 15.15
O1 EDO E . 8.91 29.72 14.87
C2 EDO E . 10.94 31.19 14.55
O2 EDO E . 11.21 32.21 15.52
O AQQ F . -8.28 -12.17 -8.66
C AQQ F . -8.74 -12.86 -9.63
CA AQQ F . -7.81 -13.27 -10.74
CB AQQ F . -6.90 -14.41 -10.29
N AQQ F . -8.48 -13.59 -12.02
CAN AQQ F . -9.22 -12.53 -12.67
CAL AQQ F . -9.84 -13.07 -13.96
OAF AQQ F . -10.85 -12.52 -14.47
OAD AQQ F . -9.29 -14.03 -14.57
CAI AQQ F . -8.36 -11.31 -13.02
CAH AQQ F . -9.14 -10.01 -13.13
CAG AQQ F . -8.26 -8.90 -13.65
NAB AQQ F . -9.06 -7.73 -13.97
OXT AQQ F . -9.96 -13.19 -9.68
#